data_1SNH
#
_entry.id   1SNH
#
loop_
_entity.id
_entity.type
_entity.pdbx_description
1 polymer "5'-D(*CP*GP*CP*AP*TP*TP*AP*CP*GP*C)-3'"
2 polymer "5'-D(*GP*CP*GP*TP*GP*GP*TP*GP*CP*G)-3'"
#
loop_
_entity_poly.entity_id
_entity_poly.type
_entity_poly.pdbx_seq_one_letter_code
_entity_poly.pdbx_strand_id
1 'polydeoxyribonucleotide' (DC)(DG)(DC)(DA)(DT)(DT)(DA)(DC)(DG)(DC) A
2 'polydeoxyribonucleotide' (DG)(DC)(DG)(DT)(DG)(DG)(DT)(DG)(DC)(DG) B
#
loop_
_chem_comp.id
_chem_comp.type
_chem_comp.name
_chem_comp.formula
DA DNA linking 2'-DEOXYADENOSINE-5'-MONOPHOSPHATE 'C10 H14 N5 O6 P'
DC DNA linking 2'-DEOXYCYTIDINE-5'-MONOPHOSPHATE 'C9 H14 N3 O7 P'
DG DNA linking 2'-DEOXYGUANOSINE-5'-MONOPHOSPHATE 'C10 H14 N5 O7 P'
DT DNA linking THYMIDINE-5'-MONOPHOSPHATE 'C10 H15 N2 O8 P'
#